data_1CPM
#
_entry.id   1CPM
#
_cell.length_a   39.430
_cell.length_b   44.300
_cell.length_c   128.340
_cell.angle_alpha   90.00
_cell.angle_beta   90.00
_cell.angle_gamma   90.00
#
_symmetry.space_group_name_H-M   'P 21 21 21'
#
loop_
_entity.id
_entity.type
_entity.pdbx_description
1 polymer 'CIRCULARLY PERMUTED'
2 non-polymer 'CALCIUM ION'
3 water water
#
_entity_poly.entity_id   1
_entity_poly.type   'polypeptide(L)'
_entity_poly.pdbx_seq_one_letter_code
;FDCAEYRSTNIYGYGLYEVSMKPAKNTGIVSSFFTYTGPAHGTQWDEIDIEFLGKDTTKVQFNYYTNGVGGHEKVISLGF
DASKGFHTYAFDWQPGYIKWYVDGVLKHTATANIPSTPGKIMMNLWNGTGVDDWLGSYNGANPLYAEYDWVKYTSNQTGG
SFFEPFNSYNSGTWEKADGYSNGGVFNCTWRANNVNFTNDGKLKLGLTSSAYNA
;
_entity_poly.pdbx_strand_id   A
#
loop_
_chem_comp.id
_chem_comp.type
_chem_comp.name
_chem_comp.formula
CA non-polymer 'CALCIUM ION' 'Ca 2'
#
# COMPACT_ATOMS: atom_id res chain seq x y z
N PHE A 1 -4.36 -14.32 -12.77
CA PHE A 1 -4.24 -14.20 -11.32
C PHE A 1 -5.24 -13.17 -10.78
N ASP A 2 -5.71 -13.42 -9.58
CA ASP A 2 -6.61 -12.51 -8.96
C ASP A 2 -5.85 -11.90 -7.75
N CYS A 3 -6.00 -10.63 -7.60
CA CYS A 3 -5.32 -9.89 -6.55
C CYS A 3 -6.30 -9.11 -5.71
N ALA A 4 -5.75 -8.23 -4.79
CA ALA A 4 -6.66 -7.58 -3.85
C ALA A 4 -6.27 -6.16 -3.50
N GLU A 5 -7.28 -5.33 -3.31
CA GLU A 5 -7.10 -3.90 -2.98
C GLU A 5 -8.25 -3.45 -2.10
N TYR A 6 -7.93 -2.89 -0.94
CA TYR A 6 -8.91 -2.34 0.01
C TYR A 6 -8.65 -0.87 0.06
N ARG A 7 -9.68 -0.02 -0.09
CA ARG A 7 -9.39 1.41 -0.08
C ARG A 7 -10.43 2.19 0.63
N SER A 8 -10.11 3.39 1.08
CA SER A 8 -11.06 4.20 1.79
C SER A 8 -12.01 4.84 0.82
N THR A 9 -13.20 5.09 1.35
CA THR A 9 -14.22 5.73 0.52
C THR A 9 -14.03 7.18 0.62
N ASN A 10 -13.42 7.68 1.70
CA ASN A 10 -13.27 9.15 1.67
C ASN A 10 -11.87 9.57 1.35
N ILE A 11 -11.57 10.87 1.29
CA ILE A 11 -10.20 11.36 1.05
C ILE A 11 -9.61 12.01 2.26
N TYR A 12 -8.30 12.01 2.36
CA TYR A 12 -7.58 12.55 3.51
C TYR A 12 -6.37 13.38 3.12
N GLY A 13 -6.03 14.41 3.92
CA GLY A 13 -4.91 15.25 3.60
C GLY A 13 -3.72 15.15 4.58
N TYR A 14 -3.05 16.30 4.74
CA TYR A 14 -1.90 16.38 5.58
C TYR A 14 -2.18 15.77 6.93
N GLY A 15 -1.24 15.04 7.45
CA GLY A 15 -1.44 14.42 8.76
C GLY A 15 -0.47 13.22 8.88
N LEU A 16 -0.50 12.49 10.01
CA LEU A 16 0.40 11.36 10.22
C LEU A 16 -0.36 10.05 9.87
N TYR A 17 0.22 9.19 9.01
CA TYR A 17 -0.39 7.92 8.60
C TYR A 17 0.40 6.75 9.18
N GLU A 18 -0.20 5.93 10.02
CA GLU A 18 0.52 4.80 10.65
C GLU A 18 -0.20 3.49 10.25
N VAL A 19 0.57 2.41 10.00
CA VAL A 19 -0.08 1.13 9.62
C VAL A 19 0.68 0.04 10.25
N SER A 20 0.05 -0.97 10.84
CA SER A 20 0.86 -2.09 11.39
C SER A 20 0.65 -3.26 10.36
N MET A 21 1.68 -3.72 9.66
CA MET A 21 1.46 -4.72 8.59
C MET A 21 2.58 -5.72 8.45
N LYS A 22 2.33 -6.74 7.67
CA LYS A 22 3.28 -7.84 7.40
C LYS A 22 3.17 -8.20 5.91
N PRO A 23 4.03 -7.73 5.07
CA PRO A 23 3.89 -7.97 3.65
C PRO A 23 4.12 -9.45 3.22
N ALA A 24 3.90 -9.71 1.96
CA ALA A 24 4.13 -11.04 1.45
C ALA A 24 5.53 -11.14 0.89
N LYS A 25 6.09 -12.31 0.98
CA LYS A 25 7.41 -12.58 0.41
C LYS A 25 7.40 -13.50 -0.85
N ASN A 26 7.89 -13.02 -1.97
CA ASN A 26 7.96 -13.76 -3.19
C ASN A 26 8.46 -12.86 -4.31
N THR A 27 9.30 -13.37 -5.17
CA THR A 27 9.71 -12.53 -6.28
C THR A 27 8.52 -12.13 -7.13
N GLY A 28 8.59 -10.97 -7.80
CA GLY A 28 7.54 -10.52 -8.73
C GLY A 28 6.31 -9.75 -8.18
N ILE A 29 6.21 -9.59 -6.88
CA ILE A 29 5.06 -8.91 -6.29
C ILE A 29 5.40 -7.74 -5.40
N VAL A 30 4.36 -7.00 -5.06
CA VAL A 30 4.42 -5.81 -4.19
C VAL A 30 3.26 -5.86 -3.21
N SER A 31 3.53 -5.54 -1.95
CA SER A 31 2.51 -5.40 -0.92
C SER A 31 2.61 -3.92 -0.55
N SER A 32 1.55 -3.15 -0.39
CA SER A 32 1.77 -1.76 -0.07
C SER A 32 0.72 -1.11 0.77
N PHE A 33 1.10 0.13 1.11
CA PHE A 33 0.28 1.10 1.88
C PHE A 33 0.58 2.41 1.28
N PHE A 34 -0.45 3.10 0.83
CA PHE A 34 -0.24 4.38 0.17
C PHE A 34 -1.52 5.22 0.08
N THR A 35 -1.31 6.51 -0.22
CA THR A 35 -2.42 7.47 -0.47
C THR A 35 -2.49 7.69 -1.94
N TYR A 36 -3.67 7.91 -2.48
CA TYR A 36 -3.62 8.11 -3.91
C TYR A 36 -4.79 8.90 -4.38
N THR A 37 -4.52 9.71 -5.33
CA THR A 37 -5.58 10.41 -6.00
C THR A 37 -5.07 10.73 -7.37
N GLY A 38 -6.02 10.74 -8.27
CA GLY A 38 -5.79 11.04 -9.64
C GLY A 38 -7.06 11.40 -10.45
N PRO A 39 -6.76 11.75 -11.69
CA PRO A 39 -7.68 12.17 -12.74
C PRO A 39 -9.05 11.52 -12.73
N ALA A 40 -9.08 10.21 -12.48
CA ALA A 40 -10.35 9.51 -12.41
C ALA A 40 -11.09 10.02 -11.19
N HIS A 41 -10.63 11.15 -10.67
CA HIS A 41 -11.16 11.79 -9.52
C HIS A 41 -10.94 13.23 -9.70
N GLY A 42 -10.75 13.51 -10.96
CA GLY A 42 -10.57 14.85 -11.47
C GLY A 42 -9.46 15.63 -10.81
N THR A 43 -8.36 14.94 -10.49
CA THR A 43 -7.25 15.62 -9.88
C THR A 43 -5.94 15.28 -10.58
N GLN A 44 -4.92 16.01 -10.17
CA GLN A 44 -3.55 15.78 -10.61
C GLN A 44 -3.22 14.44 -9.92
N TRP A 45 -2.22 13.74 -10.40
CA TRP A 45 -1.88 12.51 -9.74
C TRP A 45 -0.90 12.75 -8.60
N ASP A 46 -1.41 12.54 -7.37
CA ASP A 46 -0.66 12.71 -6.18
C ASP A 46 -0.71 11.41 -5.36
N GLU A 47 0.47 10.91 -4.93
CA GLU A 47 0.51 9.64 -4.18
C GLU A 47 1.76 9.55 -3.26
N ILE A 48 1.68 8.95 -2.06
CA ILE A 48 2.83 8.80 -1.20
C ILE A 48 2.88 7.34 -0.94
N ASP A 49 3.99 6.67 -1.15
CA ASP A 49 3.98 5.21 -0.96
C ASP A 49 4.86 4.63 0.12
N ILE A 50 4.42 3.47 0.54
CA ILE A 50 5.14 2.55 1.39
C ILE A 50 4.94 1.17 0.70
N GLU A 51 6.00 0.69 0.01
CA GLU A 51 5.94 -0.56 -0.74
C GLU A 51 6.99 -1.60 -0.36
N PHE A 52 6.56 -2.84 -0.25
CA PHE A 52 7.50 -3.88 0.02
C PHE A 52 7.65 -4.76 -1.22
N LEU A 53 8.84 -4.81 -1.79
CA LEU A 53 9.09 -5.61 -3.00
C LEU A 53 9.25 -6.99 -2.51
N GLY A 54 8.35 -7.92 -2.85
CA GLY A 54 8.43 -9.28 -2.27
C GLY A 54 9.78 -9.96 -2.56
N LYS A 55 10.41 -9.54 -3.62
CA LYS A 55 11.71 -10.12 -3.95
C LYS A 55 12.68 -9.95 -2.84
N ASP A 56 12.50 -8.97 -1.96
CA ASP A 56 13.42 -8.79 -0.81
C ASP A 56 12.72 -8.05 0.31
N THR A 57 12.12 -8.79 1.21
CA THR A 57 11.42 -8.26 2.36
C THR A 57 12.27 -7.78 3.55
N THR A 58 13.59 -7.58 3.30
CA THR A 58 14.47 -7.05 4.30
C THR A 58 14.67 -5.59 3.96
N LYS A 59 13.95 -5.12 2.94
CA LYS A 59 14.06 -3.75 2.58
C LYS A 59 12.68 -3.13 2.38
N VAL A 60 12.61 -1.80 2.35
CA VAL A 60 11.35 -1.14 2.10
C VAL A 60 11.63 0.01 1.12
N GLN A 61 10.71 0.25 0.21
CA GLN A 61 10.87 1.32 -0.74
C GLN A 61 9.85 2.41 -0.45
N PHE A 62 10.33 3.65 -0.35
CA PHE A 62 9.52 4.86 -0.15
C PHE A 62 9.56 5.59 -1.49
N ASN A 63 8.46 6.31 -1.86
CA ASN A 63 8.39 7.07 -3.10
C ASN A 63 7.22 8.01 -2.98
N TYR A 64 7.05 8.93 -3.92
CA TYR A 64 5.83 9.78 -3.91
C TYR A 64 5.74 10.40 -5.30
N TYR A 65 4.53 10.88 -5.67
CA TYR A 65 4.37 11.51 -6.97
C TYR A 65 3.61 12.80 -6.72
N THR A 66 3.94 13.84 -7.45
CA THR A 66 3.28 15.11 -7.36
C THR A 66 2.96 15.51 -8.79
N ASN A 67 1.66 15.66 -9.05
CA ASN A 67 1.34 15.96 -10.37
C ASN A 67 1.83 14.94 -11.38
N GLY A 68 1.83 13.65 -10.99
CA GLY A 68 2.22 12.62 -11.91
C GLY A 68 3.71 12.50 -12.01
N VAL A 69 4.49 13.33 -11.28
CA VAL A 69 5.93 13.17 -11.38
C VAL A 69 6.46 12.42 -10.22
N GLY A 70 7.17 11.33 -10.50
CA GLY A 70 7.71 10.48 -9.45
C GLY A 70 9.20 10.56 -9.43
N GLY A 71 9.80 9.39 -9.44
CA GLY A 71 11.24 9.33 -9.42
C GLY A 71 11.91 9.72 -8.09
N HIS A 72 11.25 9.49 -6.95
CA HIS A 72 11.78 9.77 -5.61
C HIS A 72 12.01 8.48 -4.85
N GLU A 73 12.18 7.34 -5.56
CA GLU A 73 12.41 6.10 -4.86
C GLU A 73 13.59 6.17 -3.88
N LYS A 74 13.40 5.52 -2.75
CA LYS A 74 14.38 5.43 -1.76
C LYS A 74 14.20 4.07 -1.13
N VAL A 75 15.18 3.18 -1.27
CA VAL A 75 15.11 1.86 -0.67
C VAL A 75 15.94 1.85 0.60
N ILE A 76 15.39 1.37 1.68
CA ILE A 76 16.12 1.36 2.90
C ILE A 76 16.16 -0.05 3.47
N SER A 77 17.27 -0.38 4.16
CA SER A 77 17.43 -1.71 4.77
C SER A 77 16.80 -1.67 6.10
N LEU A 78 15.90 -2.56 6.34
CA LEU A 78 15.20 -2.55 7.57
C LEU A 78 15.98 -3.13 8.71
N GLY A 79 16.90 -4.02 8.39
CA GLY A 79 17.57 -4.65 9.53
C GLY A 79 16.75 -5.82 10.12
N PHE A 80 15.76 -6.31 9.42
CA PHE A 80 14.91 -7.41 9.83
C PHE A 80 14.12 -7.79 8.57
N ASP A 81 13.50 -8.97 8.63
CA ASP A 81 12.67 -9.46 7.53
C ASP A 81 11.24 -9.08 7.83
N ALA A 82 10.77 -8.11 7.09
CA ALA A 82 9.44 -7.58 7.30
C ALA A 82 8.38 -8.62 7.22
N SER A 83 8.65 -9.66 6.41
CA SER A 83 7.62 -10.70 6.22
C SER A 83 7.42 -11.62 7.38
N LYS A 84 8.23 -11.49 8.41
CA LYS A 84 8.11 -12.41 9.52
C LYS A 84 7.30 -11.92 10.66
N GLY A 85 6.80 -10.73 10.62
CA GLY A 85 6.02 -10.33 11.79
C GLY A 85 5.51 -8.96 11.49
N PHE A 86 4.68 -8.44 12.40
CA PHE A 86 4.10 -7.11 12.25
C PHE A 86 5.05 -5.98 12.75
N HIS A 87 5.15 -4.89 12.02
CA HIS A 87 5.96 -3.78 12.44
C HIS A 87 5.05 -2.58 12.06
N THR A 88 5.38 -1.40 12.63
CA THR A 88 4.65 -0.22 12.36
C THR A 88 5.41 0.64 11.44
N TYR A 89 4.78 1.02 10.32
CA TYR A 89 5.35 1.91 9.35
C TYR A 89 4.53 3.20 9.34
N ALA A 90 5.11 4.32 9.03
CA ALA A 90 4.31 5.52 8.95
C ALA A 90 5.01 6.55 8.12
N PHE A 91 4.24 7.52 7.72
CA PHE A 91 4.75 8.71 7.10
C PHE A 91 3.89 9.88 7.66
N ASP A 92 4.59 10.99 7.94
CA ASP A 92 4.00 12.24 8.40
C ASP A 92 4.08 13.12 7.17
N TRP A 93 2.94 13.53 6.64
CA TRP A 93 2.93 14.30 5.39
C TRP A 93 2.48 15.63 5.72
N GLN A 94 3.43 16.57 5.61
CA GLN A 94 3.11 17.97 5.92
C GLN A 94 3.24 18.77 4.67
N PRO A 95 2.84 20.02 4.69
CA PRO A 95 2.96 20.80 3.47
C PRO A 95 4.39 20.86 2.88
N GLY A 96 5.40 20.94 3.75
CA GLY A 96 6.79 21.12 3.37
C GLY A 96 7.66 19.91 3.50
N TYR A 97 7.10 18.77 3.99
CA TYR A 97 7.92 17.59 3.95
C TYR A 97 7.10 16.31 4.08
N ILE A 98 7.80 15.19 3.89
CA ILE A 98 7.28 13.86 4.12
C ILE A 98 8.34 13.17 4.98
N LYS A 99 7.94 12.69 6.15
CA LYS A 99 8.92 11.97 6.94
C LYS A 99 8.43 10.54 7.10
N TRP A 100 9.27 9.55 6.86
CA TRP A 100 8.85 8.12 7.04
C TRP A 100 9.56 7.49 8.25
N TYR A 101 8.85 6.66 8.98
CA TYR A 101 9.34 5.99 10.15
C TYR A 101 9.07 4.49 10.09
N VAL A 102 9.95 3.76 10.79
CA VAL A 102 9.87 2.33 10.95
C VAL A 102 10.02 2.06 12.42
N ASP A 103 8.94 1.56 12.97
CA ASP A 103 8.87 1.24 14.36
C ASP A 103 9.25 2.44 15.20
N GLY A 104 8.77 3.58 14.78
CA GLY A 104 9.01 4.80 15.50
C GLY A 104 10.37 5.48 15.22
N VAL A 105 11.20 4.91 14.40
CA VAL A 105 12.43 5.55 14.14
C VAL A 105 12.44 6.19 12.74
N LEU A 106 12.83 7.49 12.69
CA LEU A 106 12.91 8.27 11.43
C LEU A 106 13.85 7.57 10.47
N LYS A 107 13.43 7.26 9.27
CA LYS A 107 14.31 6.63 8.38
C LYS A 107 14.57 7.45 7.17
N HIS A 108 13.66 8.33 6.77
CA HIS A 108 13.89 9.09 5.55
C HIS A 108 13.06 10.31 5.56
N THR A 109 13.62 11.35 4.92
CA THR A 109 12.91 12.62 4.86
C THR A 109 12.92 13.19 3.45
N ALA A 110 11.82 13.65 2.93
CA ALA A 110 11.87 14.24 1.61
C ALA A 110 11.29 15.66 1.72
N THR A 111 11.80 16.59 0.89
CA THR A 111 11.33 17.98 0.95
C THR A 111 11.13 18.57 -0.44
N ALA A 112 11.50 17.89 -1.49
CA ALA A 112 11.34 18.47 -2.80
C ALA A 112 9.97 18.17 -3.38
N ASN A 113 9.24 19.19 -3.86
CA ASN A 113 7.95 18.94 -4.50
C ASN A 113 7.00 18.07 -3.71
N ILE A 114 6.73 18.38 -2.47
CA ILE A 114 5.82 17.58 -1.73
C ILE A 114 4.37 17.77 -2.27
N PRO A 115 3.57 16.65 -2.39
CA PRO A 115 2.20 16.77 -2.90
C PRO A 115 1.27 17.52 -1.93
N SER A 116 0.10 17.99 -2.43
CA SER A 116 -0.88 18.72 -1.59
C SER A 116 -2.33 18.18 -1.60
N THR A 117 -2.74 17.40 -2.59
CA THR A 117 -4.09 16.97 -2.73
C THR A 117 -4.48 15.77 -1.96
N PRO A 118 -5.48 15.89 -1.10
CA PRO A 118 -5.94 14.76 -0.32
C PRO A 118 -6.24 13.61 -1.26
N GLY A 119 -6.05 12.37 -0.78
CA GLY A 119 -6.25 11.21 -1.65
C GLY A 119 -6.89 10.09 -0.87
N LYS A 120 -7.13 8.90 -1.47
CA LYS A 120 -7.67 7.87 -0.56
C LYS A 120 -6.52 7.04 0.02
N ILE A 121 -6.76 6.38 1.18
CA ILE A 121 -5.80 5.47 1.80
C ILE A 121 -6.04 4.11 1.09
N MET A 122 -5.01 3.52 0.48
CA MET A 122 -5.18 2.26 -0.25
C MET A 122 -4.20 1.18 0.24
N MET A 123 -4.55 -0.07 0.18
CA MET A 123 -3.63 -1.18 0.56
C MET A 123 -3.84 -2.24 -0.51
N ASN A 124 -2.78 -2.79 -1.11
CA ASN A 124 -2.98 -3.76 -2.19
C ASN A 124 -1.86 -4.78 -2.22
N LEU A 125 -2.05 -5.81 -2.98
CA LEU A 125 -1.08 -6.84 -3.14
C LEU A 125 -1.29 -7.27 -4.60
N TRP A 126 -0.23 -7.29 -5.37
CA TRP A 126 -0.30 -7.67 -6.79
C TRP A 126 1.07 -8.19 -7.38
N ASN A 127 0.95 -8.86 -8.57
CA ASN A 127 2.11 -9.39 -9.33
C ASN A 127 2.29 -8.52 -10.51
N GLY A 128 3.55 -8.22 -10.87
CA GLY A 128 3.69 -7.33 -11.97
C GLY A 128 4.12 -8.03 -13.21
N THR A 129 4.24 -7.26 -14.25
CA THR A 129 4.70 -7.79 -15.52
C THR A 129 5.42 -6.70 -16.22
N GLY A 130 6.33 -7.03 -17.04
CA GLY A 130 7.00 -5.94 -17.74
C GLY A 130 8.00 -5.14 -16.85
N VAL A 131 8.25 -5.50 -15.61
CA VAL A 131 9.19 -4.72 -14.88
C VAL A 131 10.08 -5.63 -14.08
N ASP A 132 10.56 -6.63 -14.76
CA ASP A 132 11.40 -7.61 -14.12
C ASP A 132 12.57 -7.02 -13.38
N ASP A 133 13.18 -5.92 -13.83
CA ASP A 133 14.33 -5.50 -13.02
C ASP A 133 14.02 -4.94 -11.67
N TRP A 134 12.92 -4.24 -11.57
CA TRP A 134 12.46 -3.63 -10.32
C TRP A 134 11.89 -4.63 -9.37
N LEU A 135 10.98 -5.52 -9.86
CA LEU A 135 10.28 -6.48 -8.98
C LEU A 135 10.73 -7.90 -9.05
N GLY A 136 11.59 -8.25 -10.02
CA GLY A 136 11.95 -9.64 -10.13
C GLY A 136 10.80 -10.19 -11.01
N SER A 137 11.06 -11.30 -11.69
CA SER A 137 10.07 -11.93 -12.54
C SER A 137 9.08 -12.68 -11.66
N TYR A 138 7.75 -12.59 -11.88
CA TYR A 138 6.81 -13.32 -11.02
C TYR A 138 6.80 -14.83 -11.40
N ASN A 139 6.89 -15.76 -10.47
CA ASN A 139 6.97 -17.14 -10.86
C ASN A 139 5.68 -17.93 -10.60
N GLY A 140 4.56 -17.23 -10.49
CA GLY A 140 3.26 -17.88 -10.32
C GLY A 140 3.05 -18.46 -8.97
N ALA A 141 3.96 -18.23 -8.03
CA ALA A 141 3.70 -18.85 -6.71
C ALA A 141 2.40 -18.36 -6.11
N ASN A 142 1.61 -19.23 -5.50
CA ASN A 142 0.34 -18.80 -4.92
C ASN A 142 -0.18 -19.89 -4.03
N PRO A 143 -1.09 -19.56 -3.10
CA PRO A 143 -1.59 -18.24 -2.86
C PRO A 143 -0.57 -17.48 -2.01
N LEU A 144 -0.55 -16.16 -2.05
CA LEU A 144 0.34 -15.31 -1.19
C LEU A 144 -0.56 -14.34 -0.49
N TYR A 145 -0.15 -13.89 0.68
CA TYR A 145 -0.98 -13.00 1.46
C TYR A 145 -0.20 -11.88 2.12
N ALA A 146 -0.83 -10.73 2.22
CA ALA A 146 -0.30 -9.60 2.95
C ALA A 146 -1.27 -9.32 4.10
N GLU A 147 -0.82 -9.02 5.32
CA GLU A 147 -1.73 -8.81 6.46
C GLU A 147 -1.54 -7.46 7.09
N TYR A 148 -2.67 -6.85 7.52
CA TYR A 148 -2.64 -5.51 8.14
C TYR A 148 -3.41 -5.62 9.43
N ASP A 149 -2.86 -5.09 10.52
CA ASP A 149 -3.55 -5.23 11.85
C ASP A 149 -4.36 -4.05 12.21
N TRP A 150 -3.90 -2.89 11.73
CA TRP A 150 -4.56 -1.63 11.96
C TRP A 150 -3.94 -0.50 11.17
N VAL A 151 -4.75 0.52 10.88
CA VAL A 151 -4.39 1.77 10.21
C VAL A 151 -4.87 2.92 11.13
N LYS A 152 -4.08 3.95 11.27
CA LYS A 152 -4.43 5.10 12.06
C LYS A 152 -4.03 6.36 11.29
N TYR A 153 -4.90 7.36 11.29
CA TYR A 153 -4.60 8.59 10.61
C TYR A 153 -4.93 9.77 11.54
N THR A 154 -3.95 10.69 11.75
CA THR A 154 -4.14 11.88 12.63
C THR A 154 -4.09 13.12 11.83
N SER A 155 -5.23 13.73 11.63
CA SER A 155 -5.27 14.90 10.77
C SER A 155 -4.66 16.14 11.36
N ASN A 156 -4.13 16.99 10.50
CA ASN A 156 -3.55 18.25 10.91
C ASN A 156 -4.61 19.29 11.26
N GLN A 157 -4.94 20.00 10.20
CA GLN A 157 -5.93 21.09 10.19
C GLN A 157 -7.15 20.55 9.46
N THR A 158 -7.12 19.22 9.41
CA THR A 158 -8.19 18.48 8.79
C THR A 158 -9.11 18.06 9.92
N GLY A 159 -10.25 17.53 9.44
CA GLY A 159 -11.31 17.03 10.29
C GLY A 159 -11.04 15.79 11.19
N GLY A 160 -11.27 14.63 10.57
CA GLY A 160 -11.20 13.48 11.31
C GLY A 160 -10.18 12.46 10.99
N SER A 161 -9.50 12.27 12.04
CA SER A 161 -8.56 11.29 12.23
C SER A 161 -9.41 10.05 12.46
N PHE A 162 -8.82 8.88 12.37
CA PHE A 162 -9.56 7.70 12.68
C PHE A 162 -8.58 6.63 13.03
N PHE A 163 -9.13 5.55 13.58
CA PHE A 163 -8.41 4.35 13.95
C PHE A 163 -9.23 3.19 13.40
N GLU A 164 -8.63 2.32 12.58
CA GLU A 164 -9.27 1.18 11.95
C GLU A 164 -8.54 -0.09 12.35
N PRO A 165 -9.19 -0.96 13.16
CA PRO A 165 -8.58 -2.16 13.68
C PRO A 165 -8.76 -3.44 12.81
N PHE A 166 -9.63 -3.35 11.82
CA PHE A 166 -9.89 -4.46 10.86
C PHE A 166 -10.55 -5.69 11.52
N ASN A 167 -11.55 -5.45 12.34
CA ASN A 167 -12.23 -6.52 12.96
C ASN A 167 -13.19 -7.03 11.96
N SER A 168 -13.66 -6.18 11.05
CA SER A 168 -14.59 -6.68 10.03
C SER A 168 -14.70 -5.67 8.98
N TYR A 169 -15.37 -6.03 7.93
CA TYR A 169 -15.55 -5.11 6.81
C TYR A 169 -16.37 -3.90 7.22
N ASN A 170 -15.80 -2.73 7.19
CA ASN A 170 -16.66 -1.59 7.53
C ASN A 170 -16.94 -0.87 6.24
N SER A 171 -18.01 -1.23 5.62
CA SER A 171 -18.25 -0.68 4.36
C SER A 171 -18.70 0.72 4.38
N GLY A 172 -18.86 1.25 5.53
CA GLY A 172 -19.29 2.63 5.49
C GLY A 172 -18.04 3.51 5.31
N THR A 173 -16.87 2.91 5.57
CA THR A 173 -15.61 3.64 5.53
C THR A 173 -14.60 3.16 4.50
N TRP A 174 -14.76 1.90 4.07
CA TRP A 174 -13.86 1.33 3.07
C TRP A 174 -14.61 0.54 1.98
N GLU A 175 -13.95 0.25 0.86
CA GLU A 175 -14.51 -0.56 -0.21
C GLU A 175 -13.48 -1.51 -0.72
N LYS A 176 -13.95 -2.62 -1.20
CA LYS A 176 -13.11 -3.62 -1.80
C LYS A 176 -13.18 -3.44 -3.31
N ALA A 177 -12.02 -3.32 -3.96
CA ALA A 177 -12.05 -3.17 -5.39
C ALA A 177 -12.41 -4.55 -5.98
N ASP A 178 -13.18 -4.49 -7.10
CA ASP A 178 -13.63 -5.72 -7.68
C ASP A 178 -13.91 -5.61 -9.16
N GLY A 179 -13.57 -6.73 -9.84
CA GLY A 179 -13.87 -6.95 -11.26
C GLY A 179 -13.19 -6.12 -12.27
N TYR A 180 -12.04 -5.54 -11.97
CA TYR A 180 -11.34 -4.77 -13.05
C TYR A 180 -9.87 -4.95 -12.75
N SER A 181 -9.03 -4.58 -13.66
CA SER A 181 -7.59 -4.73 -13.45
C SER A 181 -6.97 -3.40 -13.68
N ASN A 182 -5.91 -3.00 -12.94
CA ASN A 182 -5.33 -1.68 -13.26
C ASN A 182 -4.66 -1.75 -14.68
N GLY A 183 -4.30 -2.92 -15.18
CA GLY A 183 -3.65 -2.91 -16.51
C GLY A 183 -2.21 -2.40 -16.36
N GLY A 184 -1.52 -2.15 -17.46
CA GLY A 184 -0.15 -1.63 -17.28
C GLY A 184 0.73 -2.71 -16.69
N VAL A 185 1.38 -2.43 -15.59
CA VAL A 185 2.26 -3.45 -15.04
C VAL A 185 1.56 -4.34 -14.04
N PHE A 186 0.29 -4.05 -13.75
CA PHE A 186 -0.43 -4.87 -12.77
C PHE A 186 -0.95 -6.07 -13.53
N ASN A 187 -0.46 -7.27 -13.30
CA ASN A 187 -0.89 -8.40 -14.08
C ASN A 187 -1.87 -9.31 -13.36
N CYS A 188 -2.92 -8.69 -12.81
CA CYS A 188 -3.91 -9.45 -12.07
C CYS A 188 -5.19 -8.61 -12.02
N THR A 189 -6.32 -9.29 -11.71
CA THR A 189 -7.63 -8.65 -11.63
C THR A 189 -7.98 -8.47 -10.17
N TRP A 190 -8.41 -7.25 -9.77
CA TRP A 190 -8.82 -7.13 -8.37
C TRP A 190 -10.06 -7.96 -8.07
N ARG A 191 -10.14 -8.65 -6.95
CA ARG A 191 -11.38 -9.43 -6.62
C ARG A 191 -11.78 -9.19 -5.18
N ALA A 192 -12.98 -8.80 -4.95
CA ALA A 192 -13.41 -8.64 -3.56
C ALA A 192 -13.32 -9.92 -2.75
N ASN A 193 -13.43 -11.06 -3.43
CA ASN A 193 -13.33 -12.27 -2.60
C ASN A 193 -12.00 -12.45 -2.04
N ASN A 194 -11.01 -11.73 -2.58
CA ASN A 194 -9.65 -11.91 -2.07
C ASN A 194 -9.31 -10.96 -0.92
N VAL A 195 -10.33 -10.25 -0.39
CA VAL A 195 -10.18 -9.35 0.77
C VAL A 195 -10.88 -10.00 1.92
N ASN A 196 -10.15 -10.48 2.88
CA ASN A 196 -10.78 -11.11 3.94
C ASN A 196 -10.32 -10.61 5.26
N PHE A 197 -11.00 -11.02 6.31
CA PHE A 197 -10.69 -10.59 7.66
C PHE A 197 -10.45 -11.81 8.51
N THR A 198 -9.32 -11.95 9.15
CA THR A 198 -9.09 -13.10 9.94
C THR A 198 -9.84 -12.96 11.29
N ASN A 199 -9.84 -14.05 12.00
CA ASN A 199 -10.47 -14.10 13.28
C ASN A 199 -9.82 -13.26 14.36
N ASP A 200 -8.51 -13.11 14.27
CA ASP A 200 -7.90 -12.32 15.27
C ASP A 200 -7.84 -10.90 14.82
N GLY A 201 -8.72 -10.51 13.93
CA GLY A 201 -8.75 -9.13 13.54
C GLY A 201 -7.60 -8.53 12.66
N LYS A 202 -7.26 -9.20 11.59
CA LYS A 202 -6.30 -8.66 10.68
C LYS A 202 -6.98 -8.63 9.34
N LEU A 203 -6.64 -7.60 8.53
CA LEU A 203 -7.05 -7.50 7.12
C LEU A 203 -6.07 -8.44 6.35
N LYS A 204 -6.61 -9.39 5.55
CA LYS A 204 -5.79 -10.29 4.84
C LYS A 204 -6.07 -10.22 3.36
N LEU A 205 -5.11 -9.70 2.59
CA LEU A 205 -5.22 -9.56 1.12
C LEU A 205 -4.62 -10.79 0.46
N GLY A 206 -5.31 -11.40 -0.48
CA GLY A 206 -4.73 -12.60 -1.11
C GLY A 206 -4.44 -12.46 -2.58
N LEU A 207 -3.46 -13.19 -3.03
CA LEU A 207 -3.07 -13.22 -4.47
C LEU A 207 -3.24 -14.69 -4.89
N THR A 208 -4.16 -14.96 -5.80
CA THR A 208 -4.43 -16.35 -6.18
C THR A 208 -4.44 -16.54 -7.70
N SER A 209 -4.20 -17.78 -8.11
CA SER A 209 -4.22 -18.10 -9.54
C SER A 209 -5.64 -18.28 -10.12
N SER A 210 -5.83 -17.86 -11.35
CA SER A 210 -7.08 -17.99 -12.04
C SER A 210 -7.04 -19.30 -12.89
N ALA A 211 -8.17 -19.62 -13.50
CA ALA A 211 -8.26 -20.82 -14.31
C ALA A 211 -7.23 -20.87 -15.44
N TYR A 212 -6.99 -19.78 -16.12
CA TYR A 212 -6.05 -19.73 -17.21
C TYR A 212 -4.63 -19.77 -16.72
N ASN A 213 -4.36 -19.88 -15.40
CA ASN A 213 -2.95 -19.89 -14.95
C ASN A 213 -2.56 -21.32 -14.56
N ALA A 214 -3.43 -22.25 -14.88
CA ALA A 214 -3.15 -23.61 -14.52
C ALA A 214 -3.62 -24.52 -15.69
CA CA B . -6.51 -5.62 14.24
#